data_2W21
#
_entry.id   2W21
#
_cell.length_a   141.358
_cell.length_b   141.358
_cell.length_c   78.373
_cell.angle_alpha   90.00
_cell.angle_beta   90.00
_cell.angle_gamma   120.00
#
_symmetry.space_group_name_H-M   'P 62 2 2'
#
loop_
_entity.id
_entity.type
_entity.pdbx_description
1 polymer 'GLUTAMATE 5-KINASE'
2 non-polymer 'SULFATE ION'
3 water water
#
_entity_poly.entity_id   1
_entity_poly.type   'polypeptide(L)'
_entity_poly.pdbx_seq_one_letter_code
;MSDSQTLVVKLGTSVLTGGSRRLNRAHIVELVRQCAQLHAAGHRIVIVTSGAIAAGREHLGYPELPATIASKQLLAAVGQ
SRLIQLWEQLFSIYGIHVGQMLLTRADMEDRERFLNARDTLRALLDNNVVPVINENDAVATAEIKVGDNDNLSALAAILA
GADKLLLLTDQKGLYTADPRSNPQAELIKDVYGIDDALRAIAGDSVSGLGTGGMSTKLQAADVACRAGIDTIIAAGSKPG
VIGDVMEGISVGTLFHAQA
;
_entity_poly.pdbx_strand_id   A
#
loop_
_chem_comp.id
_chem_comp.type
_chem_comp.name
_chem_comp.formula
SO4 non-polymer 'SULFATE ION' 'O4 S -2'
#
# COMPACT_ATOMS: atom_id res chain seq x y z
N ASP A 3 6.82 22.98 1.81
CA ASP A 3 7.70 22.12 2.67
C ASP A 3 7.11 20.69 2.96
N SER A 4 6.34 20.55 4.04
CA SER A 4 6.06 19.26 4.73
C SER A 4 4.98 18.35 4.12
N GLN A 5 5.36 17.58 3.11
CA GLN A 5 4.44 16.66 2.42
C GLN A 5 3.85 15.50 3.25
N THR A 6 2.65 15.04 2.88
CA THR A 6 2.04 13.79 3.38
C THR A 6 1.90 12.78 2.23
N LEU A 7 2.33 11.55 2.47
CA LEU A 7 2.42 10.58 1.42
C LEU A 7 1.99 9.24 1.94
N VAL A 8 1.14 8.54 1.20
CA VAL A 8 0.71 7.18 1.56
C VAL A 8 1.47 6.17 0.70
N VAL A 9 2.03 5.14 1.34
CA VAL A 9 2.79 4.15 0.61
C VAL A 9 2.05 2.85 0.71
N LYS A 10 1.71 2.24 -0.41
CA LYS A 10 1.02 0.94 -0.31
C LYS A 10 1.97 -0.20 -0.66
N LEU A 11 2.05 -1.21 0.18
CA LEU A 11 2.87 -2.36 -0.12
C LEU A 11 2.03 -3.61 -0.27
N GLY A 12 2.00 -4.15 -1.48
CA GLY A 12 1.25 -5.38 -1.74
C GLY A 12 2.04 -6.59 -1.29
N THR A 13 1.46 -7.78 -1.41
CA THR A 13 2.11 -9.00 -0.88
C THR A 13 3.46 -9.27 -1.53
N SER A 14 3.55 -9.17 -2.85
CA SER A 14 4.79 -9.55 -3.50
C SER A 14 5.96 -8.63 -3.16
N VAL A 15 5.70 -7.34 -2.91
CA VAL A 15 6.79 -6.45 -2.49
C VAL A 15 7.35 -6.86 -1.12
N LEU A 16 6.44 -7.32 -0.25
CA LEU A 16 6.70 -7.69 1.13
C LEU A 16 7.41 -9.01 1.29
N THR A 17 7.12 -9.96 0.40
CA THR A 17 7.70 -11.32 0.42
C THR A 17 8.83 -11.37 -0.59
N GLY A 18 9.05 -10.25 -1.27
CA GLY A 18 9.92 -10.23 -2.44
C GLY A 18 9.54 -11.37 -3.38
N GLY A 19 8.24 -11.58 -3.59
CA GLY A 19 7.76 -12.66 -4.46
C GLY A 19 8.10 -14.06 -3.98
N SER A 20 8.28 -14.26 -2.68
CA SER A 20 8.49 -15.59 -2.14
C SER A 20 7.27 -15.94 -1.32
N ARG A 21 7.36 -16.94 -0.48
CA ARG A 21 6.24 -17.20 0.39
C ARG A 21 6.64 -16.98 1.85
N ARG A 22 7.81 -16.46 2.05
CA ARG A 22 8.27 -15.94 3.33
C ARG A 22 8.37 -14.42 3.32
N LEU A 23 8.04 -13.73 4.37
CA LEU A 23 8.10 -12.26 4.48
C LEU A 23 9.54 -11.91 4.42
N ASN A 24 9.92 -10.94 3.61
CA ASN A 24 11.33 -10.66 3.46
C ASN A 24 11.78 -9.40 4.19
N ARG A 25 12.41 -9.60 5.34
CA ARG A 25 12.83 -8.48 6.19
C ARG A 25 13.92 -7.59 5.57
N ALA A 26 14.84 -8.16 4.78
CA ALA A 26 15.85 -7.33 4.14
C ALA A 26 15.21 -6.26 3.28
N HIS A 27 14.18 -6.66 2.54
CA HIS A 27 13.46 -5.80 1.61
C HIS A 27 12.67 -4.76 2.38
N ILE A 28 11.92 -5.20 3.39
CA ILE A 28 11.08 -4.30 4.17
C ILE A 28 11.93 -3.24 4.81
N VAL A 29 12.85 -3.63 5.68
CA VAL A 29 13.84 -2.67 6.18
C VAL A 29 14.39 -1.70 5.11
N GLU A 30 14.65 -2.17 3.89
CA GLU A 30 15.10 -1.24 2.89
C GLU A 30 14.07 -0.11 2.67
N LEU A 31 12.77 -0.47 2.64
CA LEU A 31 11.68 0.51 2.55
C LEU A 31 11.54 1.35 3.79
N VAL A 32 11.43 0.72 4.98
CA VAL A 32 11.37 1.49 6.23
C VAL A 32 12.40 2.59 6.25
N ARG A 33 13.60 2.25 5.82
CA ARG A 33 14.72 3.20 5.75
C ARG A 33 14.35 4.46 5.04
N GLN A 34 13.77 4.31 3.85
CA GLN A 34 13.48 5.46 3.06
C GLN A 34 12.39 6.27 3.78
N CYS A 35 11.45 5.55 4.41
CA CYS A 35 10.36 6.17 5.19
C CYS A 35 10.89 6.98 6.34
N ALA A 36 11.89 6.45 7.04
CA ALA A 36 12.54 7.18 8.13
C ALA A 36 13.29 8.44 7.65
N GLN A 37 14.03 8.36 6.56
CA GLN A 37 14.74 9.54 6.09
C GLN A 37 13.77 10.70 5.88
N LEU A 38 12.60 10.39 5.32
CA LEU A 38 11.59 11.42 5.02
C LEU A 38 10.90 11.85 6.32
N HIS A 39 10.67 10.91 7.21
CA HIS A 39 10.10 11.25 8.49
C HIS A 39 11.00 12.23 9.21
N ALA A 40 12.30 11.95 9.18
CA ALA A 40 13.28 12.81 9.84
C ALA A 40 13.31 14.19 9.18
N ALA A 41 13.10 14.28 7.86
CA ALA A 41 12.90 15.59 7.20
C ALA A 41 11.53 16.25 7.51
N GLY A 42 10.79 15.71 8.48
CA GLY A 42 9.50 16.26 8.89
C GLY A 42 8.35 16.02 7.93
N HIS A 43 8.48 15.07 7.01
CA HIS A 43 7.32 14.62 6.24
C HIS A 43 6.45 13.67 7.06
N ARG A 44 5.26 13.40 6.54
CA ARG A 44 4.24 12.59 7.19
C ARG A 44 4.07 11.32 6.37
N ILE A 45 4.19 10.14 7.01
CA ILE A 45 4.12 8.88 6.24
C ILE A 45 3.03 7.93 6.74
N VAL A 46 2.22 7.43 5.80
CA VAL A 46 1.21 6.41 6.08
C VAL A 46 1.53 5.13 5.29
N ILE A 47 1.52 3.98 5.98
CA ILE A 47 1.81 2.68 5.38
C ILE A 47 0.52 1.85 5.24
N VAL A 48 0.25 1.35 4.05
CA VAL A 48 -0.87 0.44 3.94
C VAL A 48 -0.25 -0.88 3.57
N THR A 49 -0.28 -1.83 4.49
CA THR A 49 0.50 -3.07 4.36
C THR A 49 -0.35 -4.28 3.98
N SER A 50 0.07 -5.09 3.03
CA SER A 50 -0.57 -6.41 2.90
C SER A 50 0.19 -7.46 3.68
N GLY A 51 0.17 -8.68 3.16
CA GLY A 51 0.97 -9.75 3.76
C GLY A 51 0.40 -10.45 4.99
N ALA A 52 -0.73 -10.03 5.55
CA ALA A 52 -1.22 -10.68 6.78
C ALA A 52 -1.37 -12.20 6.65
N ILE A 53 -1.87 -12.65 5.51
CA ILE A 53 -2.09 -14.08 5.35
C ILE A 53 -0.78 -14.84 5.02
N ALA A 54 -0.05 -14.35 4.02
CA ALA A 54 1.29 -14.84 3.76
C ALA A 54 2.00 -15.12 5.09
N ALA A 55 2.03 -14.11 5.95
CA ALA A 55 2.74 -14.14 7.24
C ALA A 55 2.20 -15.18 8.16
N GLY A 56 0.88 -15.34 8.18
CA GLY A 56 0.24 -16.37 9.00
C GLY A 56 0.56 -17.78 8.53
N ARG A 57 0.71 -17.98 7.20
CA ARG A 57 1.03 -19.32 6.65
C ARG A 57 2.44 -19.67 7.04
N GLU A 58 3.34 -18.75 6.73
CA GLU A 58 4.72 -18.90 7.17
C GLU A 58 4.79 -19.29 8.65
N HIS A 59 4.33 -18.42 9.54
CA HIS A 59 4.50 -18.63 10.95
C HIS A 59 3.91 -19.93 11.47
N LEU A 60 2.90 -20.47 10.79
CA LEU A 60 2.26 -21.72 11.22
C LEU A 60 2.83 -22.95 10.50
N GLY A 61 3.89 -22.72 9.71
CA GLY A 61 4.56 -23.76 8.94
C GLY A 61 3.72 -24.32 7.82
N TYR A 62 3.08 -23.46 7.07
CA TYR A 62 2.26 -23.86 5.92
C TYR A 62 1.38 -25.09 6.20
N PRO A 63 0.45 -24.98 7.18
CA PRO A 63 -0.43 -26.13 7.51
C PRO A 63 -1.50 -26.34 6.44
N GLU A 64 -2.04 -27.56 6.39
CA GLU A 64 -3.12 -27.91 5.46
C GLU A 64 -4.48 -27.56 6.08
N LEU A 65 -5.22 -26.65 5.44
CA LEU A 65 -6.48 -26.16 6.03
C LEU A 65 -7.64 -26.21 5.02
N PRO A 66 -8.88 -26.45 5.51
CA PRO A 66 -10.06 -26.36 4.63
C PRO A 66 -10.20 -24.99 3.94
N ALA A 67 -10.71 -24.95 2.72
CA ALA A 67 -10.93 -23.66 2.09
C ALA A 67 -12.18 -22.96 2.66
N THR A 68 -12.29 -22.90 3.99
CA THR A 68 -13.32 -22.10 4.65
C THR A 68 -12.89 -20.64 4.57
N ILE A 69 -13.83 -19.75 4.86
CA ILE A 69 -13.54 -18.39 5.29
C ILE A 69 -12.73 -18.43 6.60
N ALA A 70 -13.10 -19.33 7.53
CA ALA A 70 -12.37 -19.47 8.81
C ALA A 70 -10.89 -19.81 8.68
N SER A 71 -10.47 -20.30 7.53
CA SER A 71 -9.05 -20.57 7.38
C SER A 71 -8.31 -19.29 6.95
N LYS A 72 -8.93 -18.49 6.08
CA LYS A 72 -8.31 -17.23 5.69
C LYS A 72 -8.24 -16.41 6.97
N GLN A 73 -9.31 -16.44 7.75
CA GLN A 73 -9.35 -15.61 8.93
C GLN A 73 -8.35 -15.98 10.02
N LEU A 74 -8.23 -17.25 10.38
CA LEU A 74 -7.21 -17.65 11.38
C LEU A 74 -5.79 -17.39 10.86
N LEU A 75 -5.53 -17.66 9.57
CA LEU A 75 -4.24 -17.27 9.00
C LEU A 75 -4.04 -15.79 9.25
N ALA A 76 -5.03 -14.98 8.88
CA ALA A 76 -4.99 -13.51 9.08
C ALA A 76 -4.81 -13.09 10.54
N ALA A 77 -5.46 -13.78 11.47
CA ALA A 77 -5.26 -13.51 12.89
C ALA A 77 -3.81 -13.70 13.30
N VAL A 78 -3.19 -14.77 12.84
CA VAL A 78 -1.83 -15.07 13.24
C VAL A 78 -0.87 -14.14 12.48
N GLY A 79 -1.02 -14.05 11.17
CA GLY A 79 -0.19 -13.21 10.36
C GLY A 79 -0.11 -11.74 10.76
N GLN A 80 -1.24 -11.15 11.11
CA GLN A 80 -1.26 -9.72 11.42
C GLN A 80 -0.49 -9.47 12.71
N SER A 81 -0.61 -10.36 13.69
CA SER A 81 0.14 -10.22 14.93
C SER A 81 1.67 -10.17 14.68
N ARG A 82 2.08 -10.78 13.58
CA ARG A 82 3.47 -10.81 13.22
C ARG A 82 3.86 -9.63 12.38
N LEU A 83 3.08 -9.42 11.31
CA LEU A 83 3.17 -8.28 10.43
C LEU A 83 3.39 -6.98 11.24
N ILE A 84 2.54 -6.77 12.25
CA ILE A 84 2.55 -5.53 13.02
C ILE A 84 3.85 -5.39 13.81
N GLN A 85 4.11 -6.41 14.63
CA GLN A 85 5.39 -6.61 15.32
C GLN A 85 6.57 -6.30 14.38
N LEU A 86 6.60 -6.94 13.22
CA LEU A 86 7.66 -6.67 12.32
C LEU A 86 7.76 -5.19 12.01
N TRP A 87 6.67 -4.53 11.64
CA TRP A 87 6.73 -3.11 11.23
C TRP A 87 7.11 -2.24 12.42
N GLU A 88 6.62 -2.66 13.59
CA GLU A 88 6.84 -1.94 14.82
C GLU A 88 8.32 -1.91 15.15
N GLN A 89 8.99 -3.07 15.01
CA GLN A 89 10.42 -3.20 15.32
C GLN A 89 11.32 -2.53 14.32
N LEU A 90 11.06 -2.68 13.03
CA LEU A 90 11.91 -2.02 12.06
C LEU A 90 11.90 -0.50 12.23
N PHE A 91 10.72 0.07 12.47
CA PHE A 91 10.61 1.51 12.60
C PHE A 91 11.20 1.92 13.91
N SER A 92 10.96 1.07 14.88
CA SER A 92 11.51 1.33 16.20
C SER A 92 13.03 1.54 16.14
N ILE A 93 13.70 0.83 15.24
CA ILE A 93 15.12 1.02 15.02
C ILE A 93 15.43 2.47 14.78
N TYR A 94 14.70 3.13 13.89
CA TYR A 94 14.93 4.57 13.65
C TYR A 94 14.16 5.41 14.67
N GLY A 95 13.78 4.81 15.80
CA GLY A 95 12.97 5.53 16.80
C GLY A 95 11.76 6.32 16.29
N ILE A 96 11.00 5.71 15.36
CA ILE A 96 9.68 6.17 14.93
C ILE A 96 8.65 5.17 15.44
N HIS A 97 7.57 5.68 16.05
CA HIS A 97 6.46 4.80 16.53
C HIS A 97 5.43 4.50 15.44
N VAL A 98 4.66 3.45 15.65
CA VAL A 98 3.70 3.02 14.66
C VAL A 98 2.41 2.79 15.37
N GLY A 99 1.28 2.92 14.67
CA GLY A 99 -0.03 2.73 15.28
C GLY A 99 -0.80 1.90 14.32
N GLN A 100 -1.34 0.81 14.83
CA GLN A 100 -1.93 -0.17 13.98
C GLN A 100 -3.39 0.16 13.81
N MET A 101 -3.80 0.33 12.55
CA MET A 101 -5.23 0.41 12.18
C MET A 101 -5.78 -0.71 11.29
N LEU A 102 -6.71 -1.48 11.82
CA LEU A 102 -7.36 -2.49 11.00
C LEU A 102 -8.76 -2.04 10.59
N LEU A 103 -9.00 -1.86 9.29
CA LEU A 103 -10.31 -1.35 8.80
C LEU A 103 -11.01 -2.34 7.89
N THR A 104 -12.33 -2.48 8.04
CA THR A 104 -13.12 -3.27 7.06
C THR A 104 -13.71 -2.40 5.96
N ARG A 105 -13.96 -3.00 4.79
CA ARG A 105 -14.69 -2.36 3.66
C ARG A 105 -16.02 -1.72 4.16
N ALA A 106 -16.73 -2.49 5.00
CA ALA A 106 -17.88 -2.00 5.82
C ALA A 106 -17.58 -0.69 6.55
N ASP A 107 -16.78 -0.75 7.62
CA ASP A 107 -16.32 0.46 8.36
C ASP A 107 -16.17 1.73 7.52
N MET A 108 -15.91 1.62 6.23
CA MET A 108 -15.64 2.79 5.42
C MET A 108 -16.87 3.41 4.80
N GLU A 109 -17.90 2.61 4.60
CA GLU A 109 -19.11 3.09 3.96
C GLU A 109 -20.00 3.71 5.05
N ASP A 110 -19.81 3.26 6.29
CA ASP A 110 -20.43 3.87 7.48
C ASP A 110 -19.80 5.25 7.69
N ARG A 111 -20.58 6.28 7.36
CA ARG A 111 -20.10 7.65 7.26
C ARG A 111 -19.51 8.17 8.57
N GLU A 112 -20.14 7.85 9.69
CA GLU A 112 -19.61 8.30 10.96
C GLU A 112 -18.20 7.76 11.18
N ARG A 113 -18.04 6.44 11.11
CA ARG A 113 -16.72 5.77 11.20
C ARG A 113 -15.73 6.31 10.18
N PHE A 114 -16.20 6.67 8.99
CA PHE A 114 -15.34 7.29 8.02
C PHE A 114 -14.73 8.60 8.58
N LEU A 115 -15.55 9.51 9.09
CA LEU A 115 -14.99 10.74 9.62
C LEU A 115 -14.08 10.49 10.82
N ASN A 116 -14.51 9.63 11.74
CA ASN A 116 -13.65 9.17 12.85
C ASN A 116 -12.21 8.91 12.41
N ALA A 117 -12.11 8.03 11.40
CA ALA A 117 -10.85 7.53 10.88
C ALA A 117 -9.98 8.64 10.33
N ARG A 118 -10.60 9.56 9.61
CA ARG A 118 -9.93 10.78 9.16
C ARG A 118 -9.23 11.47 10.30
N ASP A 119 -9.95 11.59 11.42
CA ASP A 119 -9.50 12.39 12.56
C ASP A 119 -8.30 11.72 13.21
N THR A 120 -8.39 10.40 13.25
CA THR A 120 -7.46 9.57 13.96
C THR A 120 -6.20 9.48 13.16
N LEU A 121 -6.33 9.30 11.86
CA LEU A 121 -5.17 9.29 11.02
C LEU A 121 -4.39 10.55 11.24
N ARG A 122 -5.08 11.68 11.36
CA ARG A 122 -4.36 12.95 11.42
C ARG A 122 -3.79 13.16 12.80
N ALA A 123 -4.51 12.69 13.81
CA ALA A 123 -4.00 12.74 15.18
C ALA A 123 -2.70 11.96 15.21
N LEU A 124 -2.70 10.73 14.66
CA LEU A 124 -1.47 9.92 14.53
C LEU A 124 -0.33 10.73 13.94
N LEU A 125 -0.48 11.20 12.71
CA LEU A 125 0.61 11.94 12.06
C LEU A 125 1.08 13.19 12.85
N ASP A 126 0.11 13.97 13.31
CA ASP A 126 0.34 15.11 14.18
C ASP A 126 1.29 14.77 15.29
N ASN A 127 1.16 13.58 15.87
CA ASN A 127 2.02 13.20 16.97
C ASN A 127 3.17 12.32 16.51
N ASN A 128 3.58 12.49 15.26
CA ASN A 128 4.76 11.81 14.66
C ASN A 128 4.74 10.29 14.46
N VAL A 129 3.57 9.69 14.63
CA VAL A 129 3.43 8.26 14.53
C VAL A 129 3.16 7.88 13.09
N VAL A 130 3.76 6.80 12.59
CA VAL A 130 3.40 6.23 11.28
C VAL A 130 2.20 5.25 11.44
N PRO A 131 1.04 5.55 10.83
CA PRO A 131 -0.03 4.54 10.88
C PRO A 131 0.28 3.44 9.90
N VAL A 132 -0.08 2.24 10.29
CA VAL A 132 0.18 1.05 9.49
C VAL A 132 -1.20 0.43 9.39
N ILE A 133 -1.85 0.63 8.26
CA ILE A 133 -3.22 0.21 8.08
C ILE A 133 -3.35 -1.04 7.25
N ASN A 134 -4.37 -1.81 7.53
CA ASN A 134 -4.63 -3.00 6.75
C ASN A 134 -6.11 -3.34 6.86
N GLU A 135 -6.62 -4.01 5.84
CA GLU A 135 -7.89 -4.70 5.89
C GLU A 135 -7.94 -5.50 7.16
N ASN A 136 -9.07 -5.49 7.86
CA ASN A 136 -9.16 -6.30 9.07
C ASN A 136 -9.55 -7.77 8.76
N ASP A 137 -8.65 -8.50 8.10
CA ASP A 137 -8.91 -9.82 7.53
C ASP A 137 -9.36 -10.92 8.51
N ALA A 138 -9.07 -10.81 9.80
CA ALA A 138 -9.53 -11.84 10.74
C ALA A 138 -11.03 -11.69 11.05
N VAL A 139 -11.59 -10.56 10.65
CA VAL A 139 -12.95 -10.26 10.97
C VAL A 139 -13.75 -10.02 9.67
N ALA A 140 -13.07 -9.48 8.64
CA ALA A 140 -13.64 -9.20 7.33
C ALA A 140 -14.22 -10.43 6.66
N THR A 141 -15.56 -10.39 6.55
CA THR A 141 -16.44 -11.33 5.83
C THR A 141 -16.09 -11.60 4.33
N ALA A 142 -15.62 -10.63 3.59
CA ALA A 142 -15.61 -10.88 2.16
C ALA A 142 -14.42 -11.66 1.63
N ILE A 144 -11.64 -14.64 1.01
CA ILE A 144 -11.18 -14.09 -0.26
C ILE A 144 -10.47 -12.74 -0.13
N LYS A 145 -10.09 -12.16 -1.25
CA LYS A 145 -9.06 -11.13 -1.24
C LYS A 145 -9.72 -9.87 -1.72
N VAL A 146 -8.98 -9.06 -2.46
CA VAL A 146 -8.79 -9.35 -3.84
C VAL A 146 -8.14 -8.23 -4.62
N GLY A 147 -7.87 -7.12 -3.95
CA GLY A 147 -7.19 -5.96 -4.56
C GLY A 147 -7.61 -4.81 -3.66
N ASP A 148 -7.56 -5.10 -2.37
CA ASP A 148 -8.47 -4.54 -1.37
C ASP A 148 -8.43 -3.04 -1.03
N ASN A 149 -7.54 -2.51 -0.17
CA ASN A 149 -6.05 -2.57 -0.08
C ASN A 149 -5.43 -1.69 -1.13
N ASP A 150 -5.61 -1.99 -2.40
CA ASP A 150 -5.39 -0.94 -3.40
C ASP A 150 -6.43 0.15 -3.20
N ASN A 151 -7.64 -0.31 -2.94
CA ASN A 151 -8.72 0.61 -2.81
C ASN A 151 -8.65 1.25 -1.44
N LEU A 152 -8.52 0.41 -0.41
CA LEU A 152 -8.29 0.90 0.94
C LEU A 152 -7.21 1.96 1.00
N SER A 153 -6.11 1.77 0.28
CA SER A 153 -5.05 2.73 0.31
C SER A 153 -5.50 4.07 -0.26
N ALA A 154 -6.28 4.03 -1.34
CA ALA A 154 -6.74 5.29 -1.91
C ALA A 154 -7.75 5.99 -0.96
N LEU A 155 -8.51 5.21 -0.19
CA LEU A 155 -9.33 5.85 0.83
C LEU A 155 -8.45 6.55 1.85
N ALA A 156 -7.57 5.78 2.51
CA ALA A 156 -6.54 6.33 3.40
C ALA A 156 -5.87 7.60 2.87
N ALA A 157 -5.63 7.69 1.57
CA ALA A 157 -4.97 8.86 1.02
C ALA A 157 -5.86 10.09 1.23
N ILE A 158 -7.16 9.91 0.98
CA ILE A 158 -8.14 10.96 1.11
C ILE A 158 -8.25 11.36 2.60
N LEU A 159 -8.58 10.38 3.44
CA LEU A 159 -8.80 10.62 4.86
C LEU A 159 -7.59 11.30 5.47
N ALA A 160 -6.40 10.83 5.12
CA ALA A 160 -5.16 11.37 5.68
C ALA A 160 -4.67 12.65 5.01
N GLY A 161 -5.44 13.20 4.09
CA GLY A 161 -5.05 14.44 3.45
C GLY A 161 -3.73 14.30 2.73
N ALA A 162 -3.59 13.27 1.88
CA ALA A 162 -2.31 12.98 1.21
C ALA A 162 -2.02 13.93 0.06
N ASP A 163 -0.76 14.22 -0.14
CA ASP A 163 -0.27 14.90 -1.34
C ASP A 163 0.03 13.91 -2.46
N LYS A 164 0.38 12.68 -2.10
CA LYS A 164 0.73 11.66 -3.09
C LYS A 164 0.35 10.28 -2.61
N LEU A 165 -0.02 9.40 -3.53
CA LEU A 165 -0.26 7.99 -3.19
C LEU A 165 0.69 7.13 -4.00
N LEU A 166 1.47 6.31 -3.31
CA LEU A 166 2.49 5.51 -3.97
C LEU A 166 2.15 4.02 -3.89
N LEU A 167 1.91 3.42 -5.05
CA LEU A 167 1.46 2.02 -5.11
C LEU A 167 2.61 1.15 -5.52
N LEU A 168 3.34 0.65 -4.52
CA LEU A 168 4.52 -0.15 -4.79
C LEU A 168 4.14 -1.52 -5.19
N THR A 169 4.54 -1.89 -6.39
CA THR A 169 4.21 -3.19 -6.96
C THR A 169 5.45 -3.99 -7.43
N ASP A 170 5.25 -5.15 -8.07
CA ASP A 170 6.36 -5.94 -8.57
C ASP A 170 6.66 -5.73 -10.04
N GLN A 171 6.29 -4.58 -10.59
CA GLN A 171 6.78 -4.18 -11.92
C GLN A 171 6.89 -2.67 -12.02
N LYS A 172 7.43 -2.17 -13.12
CA LYS A 172 7.96 -0.81 -13.10
C LYS A 172 6.88 0.26 -13.19
N GLY A 173 5.70 -0.14 -13.65
CA GLY A 173 4.58 0.78 -13.79
C GLY A 173 3.43 0.16 -14.59
N LEU A 174 2.87 0.93 -15.51
CA LEU A 174 1.78 0.41 -16.32
C LEU A 174 2.24 0.32 -17.76
N TYR A 175 1.93 -0.78 -18.41
CA TYR A 175 2.40 -1.05 -19.78
C TYR A 175 1.30 -0.98 -20.85
N THR A 176 1.73 -0.72 -22.09
CA THR A 176 0.84 -0.70 -23.27
C THR A 176 0.32 -2.10 -23.63
N ALA A 177 0.99 -3.13 -23.13
CA ALA A 177 0.49 -4.51 -23.12
C ALA A 177 1.41 -5.36 -22.25
N ASP A 178 0.97 -6.58 -21.93
CA ASP A 178 1.73 -7.56 -21.12
C ASP A 178 3.23 -7.63 -21.51
N PRO A 179 4.16 -7.21 -20.60
CA PRO A 179 5.56 -7.02 -21.03
C PRO A 179 6.32 -8.34 -21.08
N ARG A 180 5.93 -9.28 -20.21
CA ARG A 180 6.49 -10.64 -20.12
C ARG A 180 6.35 -11.40 -21.45
N SER A 181 5.19 -11.29 -22.09
CA SER A 181 4.99 -11.87 -23.43
C SER A 181 5.03 -10.81 -24.56
N ASN A 182 5.83 -9.76 -24.42
CA ASN A 182 5.82 -8.65 -25.38
C ASN A 182 7.06 -7.76 -25.46
N PRO A 183 7.77 -7.83 -26.61
CA PRO A 183 8.87 -6.91 -26.96
C PRO A 183 8.37 -5.49 -27.28
N GLN A 184 7.05 -5.33 -27.37
CA GLN A 184 6.43 -4.05 -27.80
C GLN A 184 6.12 -3.12 -26.64
N ALA A 185 5.42 -3.64 -25.63
CA ALA A 185 5.08 -2.96 -24.37
C ALA A 185 5.95 -1.74 -24.01
N GLU A 186 5.37 -0.54 -23.96
CA GLU A 186 6.04 0.64 -23.36
C GLU A 186 5.66 0.74 -21.89
N LEU A 187 6.55 1.30 -21.09
CA LEU A 187 6.20 1.76 -19.77
C LEU A 187 5.59 3.14 -19.98
N ILE A 188 4.34 3.29 -19.56
CA ILE A 188 3.58 4.49 -19.81
C ILE A 188 4.00 5.43 -18.72
N LYS A 189 4.75 6.47 -19.11
CA LYS A 189 5.31 7.41 -18.15
C LYS A 189 4.25 8.24 -17.42
N ASP A 190 3.37 8.91 -18.17
CA ASP A 190 2.22 9.69 -17.58
C ASP A 190 0.84 9.18 -18.01
N VAL A 191 -0.16 9.38 -17.16
CA VAL A 191 -1.55 9.10 -17.49
C VAL A 191 -2.38 10.25 -16.93
N TYR A 192 -3.48 10.63 -17.59
CA TYR A 192 -4.38 11.69 -17.05
C TYR A 192 -5.79 11.21 -16.78
N GLY A 193 -6.03 10.72 -15.56
CA GLY A 193 -7.30 10.12 -15.19
C GLY A 193 -7.58 8.82 -15.91
N ILE A 194 -8.43 8.01 -15.30
CA ILE A 194 -8.65 6.65 -15.77
C ILE A 194 -9.00 6.47 -17.27
N ASP A 195 -9.92 7.29 -17.78
CA ASP A 195 -10.29 7.21 -19.19
C ASP A 195 -9.03 7.25 -20.09
N ASP A 196 -8.06 8.10 -19.75
CA ASP A 196 -6.80 8.15 -20.53
C ASP A 196 -5.97 6.84 -20.43
N ALA A 197 -5.91 6.27 -19.22
CA ALA A 197 -5.33 4.94 -18.99
C ALA A 197 -5.92 3.86 -19.91
N LEU A 198 -7.24 3.60 -19.77
CA LEU A 198 -7.97 2.61 -20.58
C LEU A 198 -7.80 2.76 -22.10
N ARG A 199 -7.71 4.00 -22.61
CA ARG A 199 -7.32 4.22 -24.03
C ARG A 199 -5.86 3.78 -24.31
N ALA A 200 -4.91 4.21 -23.48
CA ALA A 200 -3.46 3.96 -23.67
C ALA A 200 -3.03 2.49 -23.77
N ILE A 201 -3.87 1.60 -23.27
CA ILE A 201 -3.58 0.17 -23.16
C ILE A 201 -4.46 -0.75 -24.05
N ALA A 202 -5.22 -0.16 -24.98
CA ALA A 202 -6.02 -0.93 -25.97
C ALA A 202 -5.17 -1.30 -27.17
N GLY A 212 -1.74 -7.90 -13.92
CA GLY A 212 -1.53 -8.76 -12.76
C GLY A 212 -1.89 -8.04 -11.45
N GLY A 213 -3.18 -8.07 -11.08
CA GLY A 213 -3.71 -7.17 -10.03
C GLY A 213 -3.74 -5.70 -10.48
N MET A 214 -3.48 -5.49 -11.77
CA MET A 214 -3.30 -4.15 -12.34
C MET A 214 -4.58 -3.34 -12.51
N SER A 215 -5.73 -3.99 -12.39
CA SER A 215 -6.99 -3.30 -12.58
C SER A 215 -7.38 -2.52 -11.34
N THR A 216 -7.24 -3.15 -10.18
CA THR A 216 -7.55 -2.51 -8.91
C THR A 216 -6.58 -1.36 -8.60
N LYS A 217 -5.41 -1.37 -9.24
CA LYS A 217 -4.50 -0.26 -9.12
C LYS A 217 -5.01 0.89 -9.95
N LEU A 218 -5.56 0.55 -11.12
CA LEU A 218 -6.19 1.54 -12.01
C LEU A 218 -7.41 2.14 -11.32
N GLN A 219 -8.04 1.30 -10.52
CA GLN A 219 -9.18 1.67 -9.74
C GLN A 219 -8.81 2.65 -8.61
N ALA A 220 -7.89 2.27 -7.72
CA ALA A 220 -7.37 3.20 -6.69
C ALA A 220 -6.86 4.53 -7.24
N ALA A 221 -6.21 4.53 -8.40
CA ALA A 221 -5.68 5.76 -9.01
C ALA A 221 -6.78 6.75 -9.41
N ASP A 222 -7.96 6.18 -9.66
CA ASP A 222 -9.17 6.90 -10.01
C ASP A 222 -9.71 7.61 -8.77
N VAL A 223 -10.13 6.83 -7.79
CA VAL A 223 -10.65 7.32 -6.52
C VAL A 223 -9.77 8.43 -5.96
N ALA A 224 -8.46 8.30 -6.17
CA ALA A 224 -7.52 9.23 -5.58
C ALA A 224 -7.24 10.45 -6.42
N CYS A 225 -7.19 10.30 -7.72
CA CYS A 225 -6.93 11.47 -8.53
C CYS A 225 -8.17 12.32 -8.57
N ARG A 226 -9.32 11.64 -8.66
CA ARG A 226 -10.60 12.31 -8.59
C ARG A 226 -10.69 13.07 -7.24
N ALA A 227 -9.96 12.63 -6.23
CA ALA A 227 -9.89 13.41 -4.98
C ALA A 227 -8.73 14.42 -4.91
N GLY A 228 -8.20 14.86 -6.04
CA GLY A 228 -7.08 15.83 -5.98
C GLY A 228 -5.68 15.29 -5.63
N ILE A 229 -5.51 13.96 -5.60
CA ILE A 229 -4.27 13.33 -5.09
C ILE A 229 -3.45 12.56 -6.15
N ASP A 230 -2.24 13.03 -6.48
CA ASP A 230 -1.43 12.31 -7.50
C ASP A 230 -1.20 10.87 -7.05
N THR A 231 -1.21 9.95 -7.98
CA THR A 231 -0.96 8.58 -7.57
C THR A 231 -0.02 7.85 -8.52
N ILE A 232 0.90 7.05 -7.97
CA ILE A 232 2.00 6.47 -8.76
C ILE A 232 2.05 4.96 -8.68
N ILE A 233 2.19 4.31 -9.82
CA ILE A 233 2.48 2.88 -9.75
C ILE A 233 3.98 2.76 -9.99
N ALA A 234 4.70 2.08 -9.09
CA ALA A 234 6.17 1.96 -9.20
C ALA A 234 6.67 0.65 -8.58
N ALA A 235 7.89 0.23 -8.96
CA ALA A 235 8.48 -1.01 -8.39
C ALA A 235 8.89 -0.80 -6.94
N GLY A 236 8.45 -1.67 -6.07
CA GLY A 236 8.76 -1.53 -4.65
C GLY A 236 10.22 -1.79 -4.38
N SER A 237 10.84 -2.60 -5.25
CA SER A 237 12.27 -2.90 -5.14
C SER A 237 13.21 -1.85 -5.76
N LYS A 238 12.68 -0.82 -6.41
CA LYS A 238 13.53 0.23 -7.00
C LYS A 238 14.19 1.08 -5.93
N PRO A 239 15.53 1.05 -5.85
CA PRO A 239 16.35 1.88 -4.95
C PRO A 239 15.86 3.31 -4.95
N GLY A 240 15.85 3.94 -3.78
CA GLY A 240 15.47 5.33 -3.66
C GLY A 240 14.08 5.75 -4.17
N VAL A 241 13.22 4.77 -4.53
CA VAL A 241 11.90 5.05 -5.13
C VAL A 241 11.05 6.05 -4.36
N ILE A 242 10.84 5.83 -3.08
CA ILE A 242 9.92 6.65 -2.28
C ILE A 242 10.32 8.13 -2.23
N GLY A 243 11.59 8.42 -1.96
CA GLY A 243 12.04 9.80 -1.94
C GLY A 243 11.85 10.41 -3.31
N ASP A 244 12.30 9.71 -4.34
CA ASP A 244 12.17 10.22 -5.68
C ASP A 244 10.71 10.65 -5.98
N VAL A 245 9.74 9.87 -5.48
CA VAL A 245 8.36 10.17 -5.74
C VAL A 245 7.91 11.46 -5.07
N MET A 246 8.34 11.70 -3.83
CA MET A 246 8.18 13.01 -3.15
C MET A 246 8.66 14.19 -4.03
N GLU A 247 9.87 14.07 -4.58
CA GLU A 247 10.45 15.16 -5.34
C GLU A 247 9.85 15.26 -6.72
N GLY A 248 8.89 14.38 -7.00
CA GLY A 248 8.25 14.29 -8.31
C GLY A 248 9.19 13.92 -9.42
N ILE A 249 10.32 13.27 -9.08
CA ILE A 249 11.23 12.65 -10.09
C ILE A 249 10.44 11.52 -10.77
N SER A 250 10.62 11.30 -12.07
CA SER A 250 9.80 10.31 -12.77
C SER A 250 10.35 8.95 -12.54
N VAL A 251 9.46 8.05 -12.17
CA VAL A 251 9.91 6.81 -11.60
C VAL A 251 9.10 5.57 -12.05
N GLY A 252 7.84 5.80 -12.46
CA GLY A 252 6.96 4.73 -12.93
C GLY A 252 5.84 5.33 -13.75
N THR A 253 4.59 4.95 -13.50
CA THR A 253 3.48 5.57 -14.17
C THR A 253 2.94 6.59 -13.20
N LEU A 254 2.90 7.85 -13.63
CA LEU A 254 2.30 8.91 -12.81
C LEU A 254 0.84 9.20 -13.26
N PHE A 255 -0.12 9.01 -12.36
CA PHE A 255 -1.47 9.30 -12.66
C PHE A 255 -1.72 10.64 -12.05
N HIS A 256 -1.79 11.67 -12.88
CA HIS A 256 -2.01 13.01 -12.38
C HIS A 256 -3.41 13.19 -11.77
N ALA A 257 -3.54 14.14 -10.87
CA ALA A 257 -4.80 14.49 -10.26
C ALA A 257 -5.66 15.34 -11.21
N GLN A 258 -6.99 15.23 -11.07
CA GLN A 258 -7.95 16.15 -11.75
C GLN A 258 -7.83 17.57 -11.17
S SO4 B . 1.85 -6.74 -5.68
O1 SO4 B . 1.44 -7.97 -4.99
O2 SO4 B . 0.68 -5.87 -5.88
O3 SO4 B . 2.85 -6.07 -4.84
O4 SO4 B . 2.49 -6.98 -6.98
S SO4 C . -4.22 -6.02 -2.38
O1 SO4 C . -4.98 -6.76 -3.40
O2 SO4 C . -4.84 -6.37 -1.10
O3 SO4 C . -2.74 -6.35 -2.37
O4 SO4 C . -4.42 -4.59 -2.57
S SO4 D . -16.43 -6.58 4.87
O1 SO4 D . -16.10 -7.57 3.82
O2 SO4 D . -17.68 -5.91 4.51
O3 SO4 D . -16.65 -7.24 6.15
O4 SO4 D . -15.36 -5.58 4.96
S SO4 E . -2.04 -11.27 2.15
O1 SO4 E . -3.00 -12.23 1.64
O2 SO4 E . -2.42 -11.12 3.56
O3 SO4 E . -0.71 -11.88 2.05
O4 SO4 E . -2.14 -10.02 1.39
#